data_6PPX
#
_entry.id   6PPX
#
_cell.length_a   58.070
_cell.length_b   76.200
_cell.length_c   77.550
_cell.angle_alpha   90.000
_cell.angle_beta   90.000
_cell.angle_gamma   90.000
#
_symmetry.space_group_name_H-M   'P 21 21 2'
#
loop_
_entity.id
_entity.type
_entity.pdbx_description
1 polymer 'N-acetylneuraminate synthase'
2 non-polymer D-MALATE
3 water water
#
_entity_poly.entity_id   1
_entity_poly.type   'polypeptide(L)'
_entity_poly.pdbx_seq_one_letter_code
;MQNNNEFKIGNRSVGYNHEPLIICEIGINHEGSLKTAFEMVDAAYNAGAEVVKHQTHIVEDEMSDEAKQVIPGNADVSIY
EIMERCALNEEDEIKLKEYVESKGMIFISTPFSRAAALRLQRMDIPAYKIGSGECNNYPLIKLVASFGKPIILSTGMNSI
ESIKKSVEIIREAGVPYALLHCTNIYPTPYEDVRLGGMNDLSEAFPDAIIGLSDHTLDNYACLGAVALGGSILERHFTDR
MDRPGPDIVCSMNPDTFKELKQGAHALKLARGGKKDTIIAGEKPTKDFAFASVVADKDIKKGELLSGDNLWVKRPGNGDF
SVNEYETLFGKVAACNIRKGAQIKKTDIE
;
_entity_poly.pdbx_strand_id   A
#
loop_
_chem_comp.id
_chem_comp.type
_chem_comp.name
_chem_comp.formula
MLT non-polymer D-MALATE 'C4 H6 O5'
#
# COMPACT_ATOMS: atom_id res chain seq x y z
N GLN A 2 -4.49 10.83 -4.34
CA GLN A 2 -3.55 10.62 -5.44
C GLN A 2 -4.27 10.44 -6.78
N ASN A 3 -5.17 9.46 -6.82
CA ASN A 3 -5.83 9.13 -8.08
C ASN A 3 -7.12 8.38 -7.77
N ASN A 4 -7.87 8.06 -8.82
CA ASN A 4 -9.13 7.33 -8.68
C ASN A 4 -9.16 6.05 -9.51
N ASN A 5 -8.01 5.57 -9.98
CA ASN A 5 -7.99 4.31 -10.73
C ASN A 5 -8.48 3.17 -9.86
N GLU A 6 -9.31 2.30 -10.45
CA GLU A 6 -9.85 1.15 -9.75
C GLU A 6 -10.11 0.03 -10.77
N PHE A 7 -10.12 -1.20 -10.28
CA PHE A 7 -10.70 -2.32 -11.01
C PHE A 7 -11.10 -3.38 -9.99
N LYS A 8 -11.70 -4.45 -10.48
CA LYS A 8 -12.26 -5.50 -9.63
C LYS A 8 -11.51 -6.80 -9.83
N ILE A 9 -11.25 -7.50 -8.73
CA ILE A 9 -10.75 -8.88 -8.75
C ILE A 9 -11.88 -9.71 -8.19
N GLY A 10 -12.66 -10.32 -9.07
CA GLY A 10 -13.91 -10.91 -8.61
C GLY A 10 -14.79 -9.80 -8.07
N ASN A 11 -15.27 -9.98 -6.85
CA ASN A 11 -16.14 -8.98 -6.22
C ASN A 11 -15.39 -7.91 -5.46
N ARG A 12 -14.05 -7.93 -5.48
CA ARG A 12 -13.24 -7.08 -4.62
C ARG A 12 -12.71 -5.89 -5.43
N SER A 13 -13.20 -4.69 -5.11
CA SER A 13 -12.69 -3.47 -5.71
C SER A 13 -11.30 -3.14 -5.15
N VAL A 14 -10.40 -2.74 -6.03
CA VAL A 14 -9.02 -2.45 -5.64
C VAL A 14 -8.65 -1.06 -6.18
N GLY A 15 -7.98 -0.27 -5.36
CA GLY A 15 -7.53 1.04 -5.79
C GLY A 15 -7.45 2.01 -4.63
N TYR A 16 -6.95 3.22 -4.96
CA TYR A 16 -6.62 4.21 -3.95
C TYR A 16 -7.83 4.56 -3.07
N ASN A 17 -9.04 4.60 -3.62
CA ASN A 17 -10.21 4.95 -2.83
C ASN A 17 -10.85 3.74 -2.15
N HIS A 18 -10.15 2.61 -2.14
CA HIS A 18 -10.68 1.37 -1.59
C HIS A 18 -9.77 0.90 -0.47
N GLU A 19 -10.29 0.00 0.35
CA GLU A 19 -9.45 -0.57 1.38
C GLU A 19 -8.25 -1.26 0.71
N PRO A 20 -7.04 -1.08 1.24
CA PRO A 20 -5.89 -1.81 0.68
C PRO A 20 -6.13 -3.31 0.75
N LEU A 21 -5.65 -4.01 -0.27
CA LEU A 21 -5.79 -5.47 -0.40
C LEU A 21 -4.47 -6.15 -0.09
N ILE A 22 -4.50 -7.12 0.83
CA ILE A 22 -3.31 -7.90 1.17
C ILE A 22 -3.41 -9.23 0.45
N ILE A 23 -2.41 -9.53 -0.35
CA ILE A 23 -2.36 -10.78 -1.09
C ILE A 23 -1.48 -11.73 -0.28
N CYS A 24 -2.07 -12.84 0.16
CA CYS A 24 -1.33 -13.86 0.90
C CYS A 24 -0.71 -14.82 -0.12
N GLU A 25 0.60 -14.65 -0.34
CA GLU A 25 1.32 -15.43 -1.34
C GLU A 25 1.80 -16.69 -0.66
N ILE A 26 1.04 -17.78 -0.83
CA ILE A 26 1.51 -19.05 -0.32
C ILE A 26 2.61 -19.60 -1.20
N GLY A 27 2.59 -19.28 -2.50
CA GLY A 27 3.70 -19.62 -3.37
C GLY A 27 4.04 -21.09 -3.34
N ILE A 28 5.32 -21.38 -3.15
CA ILE A 28 5.83 -22.75 -3.05
C ILE A 28 5.99 -23.15 -1.58
N ASN A 29 5.38 -22.36 -0.68
CA ASN A 29 5.58 -22.63 0.75
C ASN A 29 5.02 -23.98 1.17
N HIS A 30 4.10 -24.56 0.39
CA HIS A 30 3.55 -25.87 0.73
C HIS A 30 4.52 -27.01 0.46
N GLU A 31 5.67 -26.73 -0.17
CA GLU A 31 6.70 -27.74 -0.45
C GLU A 31 6.13 -28.92 -1.22
N GLY A 32 5.13 -28.67 -2.06
CA GLY A 32 4.57 -29.69 -2.92
C GLY A 32 3.49 -30.56 -2.30
N SER A 33 3.13 -30.32 -1.04
CA SER A 33 2.15 -31.14 -0.32
C SER A 33 0.80 -30.42 -0.30
N LEU A 34 -0.21 -31.03 -0.94
CA LEU A 34 -1.53 -30.43 -0.90
C LEU A 34 -2.02 -30.28 0.53
N LYS A 35 -1.76 -31.29 1.38
CA LYS A 35 -2.14 -31.20 2.78
C LYS A 35 -1.58 -29.94 3.41
N THR A 36 -0.27 -29.72 3.28
CA THR A 36 0.33 -28.50 3.82
C THR A 36 -0.33 -27.27 3.22
N ALA A 37 -0.56 -27.26 1.90
CA ALA A 37 -1.23 -26.12 1.28
C ALA A 37 -2.59 -25.86 1.93
N PHE A 38 -3.31 -26.92 2.29
CA PHE A 38 -4.63 -26.70 2.88
C PHE A 38 -4.51 -26.13 4.27
N GLU A 39 -3.57 -26.64 5.06
CA GLU A 39 -3.32 -26.06 6.37
C GLU A 39 -3.00 -24.56 6.26
N MET A 40 -2.22 -24.18 5.26
CA MET A 40 -1.86 -22.77 5.11
C MET A 40 -3.04 -21.93 4.65
N VAL A 41 -3.90 -22.51 3.81
CA VAL A 41 -5.14 -21.83 3.42
C VAL A 41 -6.06 -21.67 4.61
N ASP A 42 -6.18 -22.71 5.44
CA ASP A 42 -6.96 -22.59 6.66
C ASP A 42 -6.43 -21.45 7.51
N ALA A 43 -5.11 -21.40 7.71
CA ALA A 43 -4.55 -20.36 8.55
C ALA A 43 -4.84 -18.98 7.97
N ALA A 44 -4.82 -18.86 6.64
CA ALA A 44 -5.07 -17.58 6.00
C ALA A 44 -6.52 -17.18 6.15
N TYR A 45 -7.44 -18.12 5.93
CA TYR A 45 -8.86 -17.84 6.16
C TYR A 45 -9.10 -17.38 7.58
N ASN A 46 -8.64 -18.17 8.55
CA ASN A 46 -8.91 -17.86 9.95
C ASN A 46 -8.30 -16.54 10.37
N ALA A 47 -7.27 -16.07 9.67
CA ALA A 47 -6.74 -14.75 9.98
C ALA A 47 -7.52 -13.61 9.30
N GLY A 48 -8.50 -13.94 8.48
CA GLY A 48 -9.27 -12.92 7.80
C GLY A 48 -8.77 -12.57 6.41
N ALA A 49 -7.92 -13.41 5.82
CA ALA A 49 -7.39 -13.09 4.52
C ALA A 49 -8.50 -13.05 3.49
N GLU A 50 -8.33 -12.17 2.50
CA GLU A 50 -9.24 -12.03 1.38
C GLU A 50 -8.78 -12.75 0.12
N VAL A 51 -7.47 -12.84 -0.11
CA VAL A 51 -6.94 -13.39 -1.35
C VAL A 51 -5.77 -14.31 -1.03
N VAL A 52 -5.75 -15.48 -1.65
CA VAL A 52 -4.61 -16.38 -1.59
C VAL A 52 -4.02 -16.48 -2.98
N LYS A 53 -2.71 -16.25 -3.10
CA LYS A 53 -2.00 -16.40 -4.35
C LYS A 53 -1.15 -17.64 -4.31
N HIS A 54 -1.18 -18.40 -5.41
CA HIS A 54 -0.35 -19.55 -5.63
C HIS A 54 0.70 -19.19 -6.69
N GLN A 55 1.63 -20.12 -6.94
CA GLN A 55 2.52 -20.07 -8.09
C GLN A 55 2.31 -21.33 -8.91
N THR A 56 2.16 -21.18 -10.22
CA THR A 56 1.81 -22.29 -11.08
C THR A 56 3.07 -22.70 -11.84
N HIS A 57 3.62 -23.86 -11.47
CA HIS A 57 4.91 -24.30 -12.00
C HIS A 57 4.72 -25.55 -12.84
N ILE A 58 5.13 -25.47 -14.10
CA ILE A 58 5.12 -26.58 -15.03
C ILE A 58 6.55 -26.60 -15.57
N VAL A 59 7.42 -27.39 -14.93
CA VAL A 59 8.86 -27.16 -15.03
C VAL A 59 9.34 -27.30 -16.47
N GLU A 60 8.74 -28.20 -17.25
CA GLU A 60 9.23 -28.45 -18.60
C GLU A 60 8.99 -27.25 -19.52
N ASP A 61 7.90 -26.51 -19.32
CA ASP A 61 7.59 -25.34 -20.15
C ASP A 61 8.25 -24.07 -19.62
N GLU A 62 8.73 -24.11 -18.38
CA GLU A 62 9.25 -22.99 -17.62
C GLU A 62 10.75 -22.82 -17.77
N MET A 63 11.47 -23.92 -17.97
CA MET A 63 12.91 -23.97 -17.88
C MET A 63 13.47 -24.89 -18.95
N SER A 64 14.53 -24.47 -19.62
CA SER A 64 15.31 -25.41 -20.40
C SER A 64 16.28 -26.13 -19.48
N ASP A 65 17.00 -27.11 -20.04
CA ASP A 65 17.92 -27.88 -19.21
C ASP A 65 18.94 -27.00 -18.51
N GLU A 66 19.22 -25.83 -19.07
CA GLU A 66 20.15 -24.91 -18.41
C GLU A 66 19.72 -24.63 -16.97
N ALA A 67 18.42 -24.64 -16.68
CA ALA A 67 18.00 -24.33 -15.31
C ALA A 67 18.47 -25.39 -14.31
N LYS A 68 18.84 -26.59 -14.77
CA LYS A 68 19.34 -27.62 -13.86
C LYS A 68 20.74 -27.32 -13.36
N GLN A 69 21.39 -26.28 -13.89
CA GLN A 69 22.75 -25.89 -13.50
C GLN A 69 22.82 -24.55 -12.76
N VAL A 70 21.70 -23.87 -12.52
CA VAL A 70 21.73 -22.54 -11.89
C VAL A 70 21.04 -22.61 -10.53
N ILE A 71 21.64 -21.95 -9.54
CA ILE A 71 21.19 -21.97 -8.15
C ILE A 71 20.66 -20.58 -7.78
N PRO A 72 19.50 -20.46 -7.16
CA PRO A 72 18.99 -19.15 -6.77
C PRO A 72 19.68 -18.64 -5.50
N GLY A 73 19.44 -17.35 -5.22
CA GLY A 73 20.14 -16.71 -4.11
C GLY A 73 19.79 -17.30 -2.75
N ASN A 74 18.51 -17.63 -2.53
CA ASN A 74 18.02 -18.10 -1.24
C ASN A 74 17.91 -19.62 -1.17
N ALA A 75 18.73 -20.33 -1.94
CA ALA A 75 18.69 -21.80 -1.93
C ALA A 75 20.08 -22.33 -2.23
N ASP A 76 20.22 -23.65 -2.10
CA ASP A 76 21.50 -24.32 -2.22
C ASP A 76 21.50 -25.42 -3.28
N VAL A 77 20.40 -25.59 -4.00
CA VAL A 77 20.29 -26.52 -5.13
C VAL A 77 19.76 -25.75 -6.33
N SER A 78 19.61 -26.46 -7.46
CA SER A 78 19.21 -25.80 -8.69
C SER A 78 17.73 -25.38 -8.65
N ILE A 79 17.42 -24.28 -9.34
CA ILE A 79 16.03 -23.85 -9.41
C ILE A 79 15.15 -24.97 -9.97
N TYR A 80 15.70 -25.76 -10.91
CA TYR A 80 14.92 -26.84 -11.48
C TYR A 80 14.56 -27.86 -10.41
N GLU A 81 15.50 -28.18 -9.54
CA GLU A 81 15.18 -29.13 -8.47
C GLU A 81 14.12 -28.58 -7.53
N ILE A 82 14.24 -27.29 -7.13
CA ILE A 82 13.25 -26.72 -6.22
C ILE A 82 11.86 -26.80 -6.82
N MET A 83 11.73 -26.35 -8.07
CA MET A 83 10.40 -26.28 -8.69
C MET A 83 9.84 -27.68 -8.95
N GLU A 84 10.70 -28.64 -9.30
CA GLU A 84 10.22 -30.00 -9.47
C GLU A 84 9.70 -30.56 -8.15
N ARG A 85 10.42 -30.32 -7.06
CA ARG A 85 10.02 -30.82 -5.74
C ARG A 85 8.77 -30.13 -5.22
N CYS A 86 8.60 -28.85 -5.52
CA CYS A 86 7.57 -28.01 -4.91
C CYS A 86 6.30 -27.88 -5.74
N ALA A 87 6.34 -28.21 -7.03
CA ALA A 87 5.24 -27.87 -7.92
C ALA A 87 4.06 -28.80 -7.72
N LEU A 88 2.85 -28.23 -7.75
CA LEU A 88 1.63 -29.02 -7.73
C LEU A 88 1.21 -29.36 -9.15
N ASN A 89 0.71 -30.58 -9.35
CA ASN A 89 0.22 -30.94 -10.67
C ASN A 89 -1.18 -30.35 -10.91
N GLU A 90 -1.69 -30.49 -12.13
CA GLU A 90 -2.94 -29.82 -12.47
C GLU A 90 -4.06 -30.26 -11.53
N GLU A 91 -4.17 -31.56 -11.30
CA GLU A 91 -5.22 -32.09 -10.43
C GLU A 91 -5.16 -31.45 -9.05
N ASP A 92 -3.95 -31.36 -8.47
CA ASP A 92 -3.83 -30.83 -7.12
C ASP A 92 -4.10 -29.33 -7.09
N GLU A 93 -3.63 -28.60 -8.10
CA GLU A 93 -3.86 -27.15 -8.12
C GLU A 93 -5.35 -26.82 -8.28
N ILE A 94 -6.06 -27.61 -9.07
CA ILE A 94 -7.50 -27.42 -9.18
C ILE A 94 -8.17 -27.63 -7.82
N LYS A 95 -7.72 -28.64 -7.07
CA LYS A 95 -8.22 -28.82 -5.70
C LYS A 95 -7.86 -27.63 -4.82
N LEU A 96 -6.67 -27.06 -5.01
CA LEU A 96 -6.30 -25.90 -4.21
C LEU A 96 -7.22 -24.72 -4.48
N LYS A 97 -7.54 -24.47 -5.75
CA LYS A 97 -8.45 -23.37 -6.05
C LYS A 97 -9.82 -23.61 -5.44
N GLU A 98 -10.34 -24.83 -5.58
CA GLU A 98 -11.64 -25.14 -5.00
C GLU A 98 -11.64 -24.90 -3.49
N TYR A 99 -10.56 -25.32 -2.82
CA TYR A 99 -10.50 -25.18 -1.37
C TYR A 99 -10.48 -23.71 -0.96
N VAL A 100 -9.62 -22.91 -1.60
CA VAL A 100 -9.55 -21.49 -1.28
C VAL A 100 -10.94 -20.87 -1.41
N GLU A 101 -11.61 -21.14 -2.53
CA GLU A 101 -12.93 -20.58 -2.73
C GLU A 101 -13.97 -21.20 -1.80
N SER A 102 -13.72 -22.42 -1.31
CA SER A 102 -14.65 -22.99 -0.36
C SER A 102 -14.59 -22.27 0.99
N LYS A 103 -13.48 -21.56 1.26
CA LYS A 103 -13.35 -20.76 2.45
C LYS A 103 -13.78 -19.30 2.22
N GLY A 104 -14.39 -19.00 1.08
CA GLY A 104 -14.85 -17.65 0.82
C GLY A 104 -13.79 -16.70 0.31
N MET A 105 -12.63 -17.19 -0.08
CA MET A 105 -11.51 -16.35 -0.47
C MET A 105 -11.30 -16.41 -1.97
N ILE A 106 -10.60 -15.40 -2.48
CA ILE A 106 -10.30 -15.34 -3.90
C ILE A 106 -8.98 -16.04 -4.13
N PHE A 107 -8.94 -16.88 -5.16
CA PHE A 107 -7.73 -17.60 -5.55
C PHE A 107 -7.20 -16.96 -6.84
N ILE A 108 -5.94 -16.49 -6.78
CA ILE A 108 -5.21 -16.11 -7.98
C ILE A 108 -3.86 -16.82 -7.96
N SER A 109 -3.11 -16.69 -9.05
CA SER A 109 -1.83 -17.37 -9.13
C SER A 109 -0.93 -16.67 -10.14
N THR A 110 0.37 -16.97 -10.03
CA THR A 110 1.39 -16.44 -10.93
C THR A 110 1.80 -17.52 -11.91
N PRO A 111 1.57 -17.36 -13.21
CA PRO A 111 2.09 -18.34 -14.17
C PRO A 111 3.55 -18.04 -14.49
N PHE A 112 4.38 -19.08 -14.50
CA PHE A 112 5.79 -18.93 -14.86
C PHE A 112 6.10 -19.48 -16.25
N SER A 113 5.08 -19.80 -17.03
CA SER A 113 5.27 -20.37 -18.35
C SER A 113 3.97 -20.26 -19.13
N ARG A 114 4.10 -20.41 -20.44
CA ARG A 114 2.94 -20.49 -21.32
C ARG A 114 1.98 -21.59 -20.86
N ALA A 115 2.51 -22.77 -20.58
CA ALA A 115 1.62 -23.87 -20.18
C ALA A 115 0.89 -23.53 -18.88
N ALA A 116 1.58 -22.91 -17.91
CA ALA A 116 0.93 -22.52 -16.66
C ALA A 116 -0.17 -21.51 -16.92
N ALA A 117 0.05 -20.61 -17.88
CA ALA A 117 -0.95 -19.58 -18.14
C ALA A 117 -2.19 -20.20 -18.75
N LEU A 118 -2.00 -21.17 -19.65
CA LEU A 118 -3.16 -21.84 -20.24
C LEU A 118 -3.92 -22.65 -19.21
N ARG A 119 -3.21 -23.27 -18.25
CA ARG A 119 -3.90 -24.01 -17.19
C ARG A 119 -4.75 -23.06 -16.34
N LEU A 120 -4.18 -21.91 -15.95
CA LEU A 120 -4.95 -20.95 -15.17
C LEU A 120 -6.15 -20.41 -15.94
N GLN A 121 -6.02 -20.25 -17.25
CA GLN A 121 -7.18 -19.87 -18.06
C GLN A 121 -8.25 -20.96 -18.04
N ARG A 122 -7.86 -22.24 -18.18
CA ARG A 122 -8.85 -23.31 -18.08
C ARG A 122 -9.60 -23.24 -16.74
N MET A 123 -8.87 -22.97 -15.66
CA MET A 123 -9.50 -22.82 -14.35
C MET A 123 -10.26 -21.51 -14.19
N ASP A 124 -10.05 -20.54 -15.09
CA ASP A 124 -10.85 -19.31 -15.11
C ASP A 124 -10.63 -18.46 -13.86
N ILE A 125 -9.37 -18.20 -13.54
CA ILE A 125 -9.07 -17.37 -12.37
C ILE A 125 -9.43 -15.92 -12.70
N PRO A 126 -9.78 -15.12 -11.70
CA PRO A 126 -10.32 -13.78 -11.96
C PRO A 126 -9.27 -12.69 -12.21
N ALA A 127 -8.00 -12.97 -11.96
CA ALA A 127 -6.94 -12.00 -12.25
C ALA A 127 -5.64 -12.76 -12.26
N TYR A 128 -4.63 -12.22 -12.97
CA TYR A 128 -3.33 -12.86 -13.12
C TYR A 128 -2.24 -12.01 -12.48
N LYS A 129 -1.38 -12.64 -11.71
CA LYS A 129 -0.15 -12.02 -11.25
C LYS A 129 1.00 -12.42 -12.18
N ILE A 130 1.83 -11.46 -12.55
CA ILE A 130 3.07 -11.72 -13.27
C ILE A 130 4.21 -11.34 -12.35
N GLY A 131 5.08 -12.30 -12.04
CA GLY A 131 6.21 -12.06 -11.16
C GLY A 131 7.28 -11.20 -11.82
N SER A 132 8.18 -10.66 -10.97
CA SER A 132 9.20 -9.76 -11.48
C SER A 132 10.12 -10.42 -12.49
N GLY A 133 10.24 -11.75 -12.45
CA GLY A 133 11.07 -12.44 -13.42
C GLY A 133 10.48 -12.43 -14.81
N GLU A 134 9.15 -12.32 -14.92
CA GLU A 134 8.46 -12.29 -16.19
C GLU A 134 8.01 -10.90 -16.57
N CYS A 135 8.40 -9.87 -15.80
CA CYS A 135 8.02 -8.51 -16.16
C CYS A 135 8.49 -8.17 -17.58
N ASN A 136 9.64 -8.69 -18.00
CA ASN A 136 10.14 -8.43 -19.34
C ASN A 136 9.93 -9.61 -20.28
N ASN A 137 9.11 -10.60 -19.88
CA ASN A 137 8.74 -11.71 -20.75
C ASN A 137 7.56 -11.28 -21.60
N TYR A 138 7.85 -10.47 -22.61
CA TYR A 138 6.77 -9.90 -23.42
C TYR A 138 5.93 -10.95 -24.13
N PRO A 139 6.50 -12.04 -24.65
CA PRO A 139 5.65 -13.11 -25.18
C PRO A 139 4.67 -13.65 -24.15
N LEU A 140 5.10 -13.88 -22.91
CA LEU A 140 4.19 -14.38 -21.89
C LEU A 140 3.13 -13.35 -21.51
N ILE A 141 3.53 -12.08 -21.38
CA ILE A 141 2.56 -11.04 -21.04
C ILE A 141 1.48 -10.94 -22.11
N LYS A 142 1.88 -10.98 -23.39
CA LYS A 142 0.91 -10.95 -24.48
C LYS A 142 -0.11 -12.06 -24.34
N LEU A 143 0.37 -13.28 -24.06
CA LEU A 143 -0.54 -14.40 -23.88
C LEU A 143 -1.50 -14.14 -22.73
N VAL A 144 -0.95 -13.82 -21.55
CA VAL A 144 -1.79 -13.60 -20.38
C VAL A 144 -2.76 -12.45 -20.63
N ALA A 145 -2.30 -11.36 -21.24
CA ALA A 145 -3.22 -10.25 -21.48
C ALA A 145 -4.35 -10.67 -22.39
N SER A 146 -4.09 -11.59 -23.31
CA SER A 146 -5.14 -12.06 -24.21
C SER A 146 -6.24 -12.81 -23.48
N PHE A 147 -6.06 -13.12 -22.20
CA PHE A 147 -7.09 -13.84 -21.47
C PHE A 147 -8.27 -12.95 -21.07
N GLY A 148 -8.10 -11.63 -21.08
CA GLY A 148 -9.18 -10.72 -20.75
C GLY A 148 -9.38 -10.41 -19.29
N LYS A 149 -8.46 -10.80 -18.42
CA LYS A 149 -8.59 -10.57 -16.99
C LYS A 149 -7.61 -9.50 -16.55
N PRO A 150 -7.88 -8.84 -15.42
CA PRO A 150 -6.91 -7.86 -14.90
C PRO A 150 -5.57 -8.53 -14.60
N ILE A 151 -4.52 -7.73 -14.64
CA ILE A 151 -3.15 -8.18 -14.46
C ILE A 151 -2.54 -7.35 -13.33
N ILE A 152 -1.84 -8.03 -12.43
CA ILE A 152 -1.11 -7.40 -11.35
C ILE A 152 0.36 -7.69 -11.61
N LEU A 153 1.13 -6.67 -12.00
CA LEU A 153 2.47 -6.88 -12.53
C LEU A 153 3.52 -6.41 -11.54
N SER A 154 4.37 -7.34 -11.07
CA SER A 154 5.55 -6.94 -10.29
C SER A 154 6.59 -6.35 -11.22
N THR A 155 7.38 -5.41 -10.68
CA THR A 155 8.28 -4.63 -11.53
C THR A 155 9.72 -4.65 -11.04
N GLY A 156 10.09 -5.60 -10.18
CA GLY A 156 11.48 -5.68 -9.76
C GLY A 156 12.40 -6.02 -10.92
N MET A 157 13.68 -5.68 -10.75
CA MET A 157 14.71 -6.00 -11.72
C MET A 157 14.48 -5.34 -13.08
N ASN A 158 13.58 -4.36 -13.16
CA ASN A 158 13.21 -3.76 -14.44
C ASN A 158 13.11 -2.24 -14.35
N SER A 159 13.58 -1.57 -15.41
CA SER A 159 13.51 -0.13 -15.51
C SER A 159 12.09 0.32 -15.87
N ILE A 160 11.81 1.60 -15.64
CA ILE A 160 10.58 2.19 -16.16
C ILE A 160 10.51 1.97 -17.67
N GLU A 161 11.61 2.20 -18.35
CA GLU A 161 11.64 2.00 -19.80
C GLU A 161 11.30 0.56 -20.17
N SER A 162 11.83 -0.41 -19.42
CA SER A 162 11.46 -1.80 -19.67
C SER A 162 9.98 -2.04 -19.38
N ILE A 163 9.48 -1.49 -18.28
CA ILE A 163 8.09 -1.74 -17.89
C ILE A 163 7.14 -1.14 -18.92
N LYS A 164 7.54 -0.05 -19.57
CA LYS A 164 6.67 0.59 -20.56
C LYS A 164 6.21 -0.39 -21.63
N LYS A 165 7.14 -1.22 -22.15
CA LYS A 165 6.78 -2.21 -23.15
C LYS A 165 5.74 -3.20 -22.62
N SER A 166 5.86 -3.58 -21.34
CA SER A 166 4.85 -4.48 -20.77
C SER A 166 3.51 -3.77 -20.65
N VAL A 167 3.50 -2.54 -20.15
CA VAL A 167 2.25 -1.80 -20.01
C VAL A 167 1.59 -1.58 -21.37
N GLU A 168 2.40 -1.26 -22.40
CA GLU A 168 1.88 -1.13 -23.76
C GLU A 168 1.11 -2.37 -24.18
N ILE A 169 1.72 -3.54 -23.99
CA ILE A 169 1.03 -4.79 -24.34
C ILE A 169 -0.28 -4.90 -23.57
N ILE A 170 -0.26 -4.55 -22.28
CA ILE A 170 -1.44 -4.68 -21.44
C ILE A 170 -2.54 -3.72 -21.91
N ARG A 171 -2.18 -2.47 -22.14
CA ARG A 171 -3.18 -1.50 -22.59
C ARG A 171 -3.79 -1.93 -23.91
N GLU A 172 -2.98 -2.54 -24.79
CA GLU A 172 -3.48 -2.91 -26.11
C GLU A 172 -4.54 -3.99 -26.02
N ALA A 173 -4.37 -4.94 -25.09
CA ALA A 173 -5.43 -5.93 -24.86
C ALA A 173 -6.62 -5.32 -24.13
N GLY A 174 -6.47 -4.13 -23.57
CA GLY A 174 -7.59 -3.49 -22.89
C GLY A 174 -8.02 -4.08 -21.57
N VAL A 175 -7.10 -4.57 -20.76
CA VAL A 175 -7.44 -5.04 -19.41
C VAL A 175 -6.86 -4.07 -18.39
N PRO A 176 -7.53 -3.82 -17.27
CA PRO A 176 -6.93 -2.96 -16.25
C PRO A 176 -5.76 -3.68 -15.57
N TYR A 177 -4.86 -2.88 -14.99
CA TYR A 177 -3.66 -3.49 -14.42
C TYR A 177 -3.18 -2.71 -13.20
N ALA A 178 -2.39 -3.42 -12.38
CA ALA A 178 -1.67 -2.85 -11.26
C ALA A 178 -0.18 -3.02 -11.50
N LEU A 179 0.61 -2.13 -10.89
CA LEU A 179 2.05 -2.24 -10.87
C LEU A 179 2.47 -2.34 -9.41
N LEU A 180 3.19 -3.40 -9.08
CA LEU A 180 3.71 -3.56 -7.74
C LEU A 180 5.20 -3.23 -7.78
N HIS A 181 5.60 -2.23 -7.03
CA HIS A 181 7.02 -2.01 -6.82
C HIS A 181 7.58 -3.21 -6.05
N CYS A 182 8.85 -3.53 -6.29
CA CYS A 182 9.34 -4.79 -5.76
C CYS A 182 10.86 -4.81 -5.86
N THR A 183 11.50 -5.45 -4.87
CA THR A 183 12.94 -5.70 -4.89
C THR A 183 13.13 -7.20 -4.64
N ASN A 184 13.74 -7.90 -5.58
CA ASN A 184 13.72 -9.36 -5.56
C ASN A 184 15.01 -9.88 -4.94
N ILE A 185 15.15 -9.62 -3.64
CA ILE A 185 16.22 -10.17 -2.82
C ILE A 185 15.57 -10.82 -1.60
N TYR A 186 15.97 -12.05 -1.30
CA TYR A 186 15.30 -12.84 -0.28
C TYR A 186 16.26 -13.13 0.86
N PRO A 187 16.14 -12.42 1.99
CA PRO A 187 15.19 -11.34 2.24
C PRO A 187 15.73 -9.99 1.77
N THR A 188 14.88 -8.97 1.72
CA THR A 188 15.29 -7.65 1.25
C THR A 188 15.69 -6.76 2.41
N PRO A 189 16.90 -6.20 2.41
CA PRO A 189 17.26 -5.24 3.47
C PRO A 189 16.45 -3.96 3.34
N TYR A 190 16.10 -3.36 4.47
CA TYR A 190 15.34 -2.12 4.49
C TYR A 190 15.87 -1.15 3.44
N GLU A 191 17.19 -0.97 3.41
CA GLU A 191 17.79 0.08 2.59
C GLU A 191 17.63 -0.16 1.11
N ASP A 192 17.24 -1.35 0.68
CA ASP A 192 17.01 -1.61 -0.74
C ASP A 192 15.54 -1.52 -1.14
N VAL A 193 14.65 -1.12 -0.23
CA VAL A 193 13.23 -1.11 -0.57
C VAL A 193 12.90 0.02 -1.54
N ARG A 194 13.44 1.21 -1.30
CA ARG A 194 13.22 2.39 -2.14
C ARG A 194 11.72 2.66 -2.36
N LEU A 195 11.03 3.01 -1.26
CA LEU A 195 9.59 3.25 -1.38
C LEU A 195 9.26 4.32 -2.43
N GLY A 196 10.18 5.25 -2.67
CA GLY A 196 9.99 6.25 -3.71
C GLY A 196 9.77 5.68 -5.09
N GLY A 197 10.22 4.45 -5.34
CA GLY A 197 9.93 3.80 -6.61
C GLY A 197 8.45 3.72 -6.92
N MET A 198 7.60 3.70 -5.88
CA MET A 198 6.16 3.71 -6.11
C MET A 198 5.74 5.01 -6.80
N ASN A 199 6.25 6.16 -6.33
CA ASN A 199 5.92 7.42 -6.98
C ASN A 199 6.40 7.44 -8.42
N ASP A 200 7.62 6.94 -8.65
CA ASP A 200 8.13 6.83 -10.01
C ASP A 200 7.16 6.07 -10.90
N LEU A 201 6.63 4.94 -10.42
CA LEU A 201 5.72 4.15 -11.24
C LEU A 201 4.43 4.91 -11.52
N SER A 202 3.78 5.44 -10.49
CA SER A 202 2.51 6.14 -10.73
C SER A 202 2.71 7.37 -11.61
N GLU A 203 3.85 8.05 -11.46
CA GLU A 203 4.14 9.21 -12.30
C GLU A 203 4.30 8.81 -13.76
N ALA A 204 4.97 7.68 -14.02
CA ALA A 204 5.16 7.22 -15.39
C ALA A 204 3.91 6.59 -15.97
N PHE A 205 3.06 6.00 -15.13
CA PHE A 205 1.91 5.22 -15.58
C PHE A 205 0.68 5.71 -14.83
N PRO A 206 0.08 6.80 -15.28
CA PRO A 206 -1.03 7.42 -14.53
C PRO A 206 -2.28 6.57 -14.44
N ASP A 207 -2.45 5.56 -15.29
CA ASP A 207 -3.66 4.74 -15.25
C ASP A 207 -3.51 3.49 -14.41
N ALA A 208 -2.34 3.25 -13.81
CA ALA A 208 -2.06 2.03 -13.07
C ALA A 208 -2.52 2.14 -11.63
N ILE A 209 -3.07 1.04 -11.11
CA ILE A 209 -3.14 0.84 -9.67
C ILE A 209 -1.74 0.54 -9.15
N ILE A 210 -1.37 1.12 -8.01
CA ILE A 210 -0.02 0.99 -7.48
C ILE A 210 -0.04 0.25 -6.16
N GLY A 211 0.96 -0.60 -5.96
CA GLY A 211 1.15 -1.31 -4.70
C GLY A 211 2.61 -1.71 -4.52
N LEU A 212 2.82 -2.59 -3.53
CA LEU A 212 4.15 -3.11 -3.21
C LEU A 212 4.10 -4.62 -3.08
N SER A 213 5.02 -5.31 -3.73
CA SER A 213 5.31 -6.70 -3.42
C SER A 213 6.54 -6.69 -2.51
N ASP A 214 6.48 -7.40 -1.40
CA ASP A 214 7.53 -7.21 -0.42
C ASP A 214 8.19 -8.51 0.00
N HIS A 215 9.50 -8.41 0.27
CA HIS A 215 10.28 -9.56 0.72
C HIS A 215 11.20 -9.21 1.90
N THR A 216 10.91 -8.13 2.64
CA THR A 216 11.62 -7.84 3.89
C THR A 216 11.15 -8.79 4.98
N LEU A 217 11.71 -8.62 6.19
CA LEU A 217 11.41 -9.50 7.31
C LEU A 217 10.25 -9.05 8.19
N ASP A 218 9.55 -7.97 7.84
CA ASP A 218 8.46 -7.51 8.70
C ASP A 218 7.53 -6.61 7.88
N ASN A 219 6.61 -5.95 8.58
CA ASN A 219 5.53 -5.19 7.96
C ASN A 219 5.88 -3.72 7.70
N TYR A 220 7.07 -3.24 8.08
CA TYR A 220 7.30 -1.80 8.02
C TYR A 220 7.22 -1.29 6.58
N ALA A 221 7.94 -1.94 5.66
CA ALA A 221 7.89 -1.50 4.26
C ALA A 221 6.46 -1.44 3.76
N CYS A 222 5.69 -2.51 4.03
CA CYS A 222 4.30 -2.53 3.56
C CYS A 222 3.47 -1.42 4.19
N LEU A 223 3.69 -1.10 5.47
CA LEU A 223 2.92 -0.04 6.09
C LEU A 223 3.28 1.32 5.47
N GLY A 224 4.57 1.54 5.19
CA GLY A 224 4.96 2.76 4.51
C GLY A 224 4.36 2.87 3.13
N ALA A 225 4.16 1.73 2.47
CA ALA A 225 3.58 1.76 1.14
C ALA A 225 2.10 2.17 1.18
N VAL A 226 1.36 1.74 2.21
CA VAL A 226 0.01 2.27 2.39
C VAL A 226 0.06 3.78 2.60
N ALA A 227 0.96 4.24 3.47
CA ALA A 227 1.08 5.67 3.71
C ALA A 227 1.33 6.44 2.42
N LEU A 228 2.10 5.85 1.49
CA LEU A 228 2.40 6.47 0.21
C LEU A 228 1.30 6.31 -0.83
N GLY A 229 0.21 5.64 -0.48
CA GLY A 229 -0.89 5.47 -1.40
C GLY A 229 -1.03 4.07 -1.98
N GLY A 230 -0.27 3.10 -1.49
CA GLY A 230 -0.35 1.76 -2.06
C GLY A 230 -1.72 1.15 -1.86
N SER A 231 -2.18 0.44 -2.88
CA SER A 231 -3.49 -0.21 -2.90
C SER A 231 -3.42 -1.72 -2.77
N ILE A 232 -2.30 -2.32 -3.14
CA ILE A 232 -2.13 -3.77 -3.08
C ILE A 232 -0.83 -4.05 -2.35
N LEU A 233 -0.87 -4.92 -1.36
CA LEU A 233 0.30 -5.33 -0.61
C LEU A 233 0.44 -6.85 -0.72
N GLU A 234 1.62 -7.31 -1.13
CA GLU A 234 1.87 -8.74 -1.27
C GLU A 234 3.08 -9.13 -0.43
N ARG A 235 2.88 -10.09 0.47
CA ARG A 235 3.95 -10.75 1.19
C ARG A 235 3.65 -12.24 1.15
N HIS A 236 4.71 -13.05 1.25
CA HIS A 236 4.53 -14.48 1.38
C HIS A 236 3.82 -14.77 2.69
N PHE A 237 3.14 -15.92 2.73
CA PHE A 237 2.32 -16.29 3.88
C PHE A 237 2.58 -17.74 4.26
N THR A 238 2.58 -18.00 5.56
CA THR A 238 2.75 -19.34 6.10
C THR A 238 1.88 -19.45 7.33
N ASP A 239 1.48 -20.69 7.66
CA ASP A 239 0.69 -20.89 8.86
C ASP A 239 1.55 -20.83 10.10
N ARG A 240 2.82 -21.22 10.00
CA ARG A 240 3.73 -21.05 11.12
C ARG A 240 5.14 -20.82 10.59
N MET A 241 5.95 -20.11 11.40
CA MET A 241 7.28 -19.72 10.95
C MET A 241 8.30 -20.85 11.03
N ASP A 242 7.99 -21.98 11.65
CA ASP A 242 9.00 -23.03 11.76
C ASP A 242 8.97 -24.00 10.58
N ARG A 243 8.21 -23.69 9.53
CA ARG A 243 8.18 -24.53 8.33
C ARG A 243 9.52 -24.46 7.59
N PRO A 244 9.84 -25.48 6.81
CA PRO A 244 10.96 -25.39 5.89
C PRO A 244 10.54 -24.77 4.56
N GLY A 245 11.52 -24.18 3.89
CA GLY A 245 11.28 -23.52 2.62
C GLY A 245 12.12 -22.27 2.48
N PRO A 246 12.56 -21.98 1.25
CA PRO A 246 13.42 -20.80 1.05
C PRO A 246 12.69 -19.48 1.24
N ASP A 247 11.36 -19.46 1.16
CA ASP A 247 10.58 -18.23 1.29
C ASP A 247 9.92 -18.07 2.66
N ILE A 248 10.00 -19.08 3.52
CA ILE A 248 9.29 -19.01 4.79
C ILE A 248 9.69 -17.77 5.56
N VAL A 249 10.99 -17.48 5.60
CA VAL A 249 11.51 -16.56 6.61
C VAL A 249 11.05 -15.12 6.37
N CYS A 250 10.75 -14.76 5.13
CA CYS A 250 10.19 -13.43 4.86
C CYS A 250 8.67 -13.46 4.79
N SER A 251 8.03 -14.51 5.29
CA SER A 251 6.60 -14.68 5.21
C SER A 251 5.89 -14.04 6.40
N MET A 252 4.63 -13.66 6.20
CA MET A 252 3.82 -13.36 7.36
C MET A 252 3.17 -14.65 7.86
N ASN A 253 2.75 -14.64 9.11
CA ASN A 253 1.95 -15.73 9.64
C ASN A 253 0.62 -15.12 10.06
N PRO A 254 -0.29 -15.88 10.63
CA PRO A 254 -1.59 -15.29 11.00
C PRO A 254 -1.46 -14.04 11.86
N ASP A 255 -0.59 -14.04 12.87
CA ASP A 255 -0.47 -12.87 13.73
C ASP A 255 -0.01 -11.64 12.96
N THR A 256 1.08 -11.78 12.19
CA THR A 256 1.62 -10.58 11.52
C THR A 256 0.78 -10.15 10.34
N PHE A 257 -0.01 -11.07 9.75
CA PHE A 257 -1.02 -10.66 8.80
C PHE A 257 -2.05 -9.75 9.45
N LYS A 258 -2.54 -10.13 10.64
CA LYS A 258 -3.55 -9.32 11.31
C LYS A 258 -3.01 -7.94 11.66
N GLU A 259 -1.73 -7.84 12.00
CA GLU A 259 -1.12 -6.54 12.30
C GLU A 259 -1.07 -5.68 11.05
N LEU A 260 -0.61 -6.25 9.93
CA LEU A 260 -0.58 -5.51 8.68
C LEU A 260 -1.97 -5.04 8.29
N LYS A 261 -2.96 -5.93 8.40
CA LYS A 261 -4.33 -5.55 8.09
C LYS A 261 -4.75 -4.35 8.94
N GLN A 262 -4.41 -4.36 10.23
CA GLN A 262 -4.84 -3.28 11.10
C GLN A 262 -4.06 -2.01 10.80
N GLY A 263 -2.75 -2.13 10.57
CA GLY A 263 -1.97 -0.98 10.19
C GLY A 263 -2.44 -0.37 8.89
N ALA A 264 -2.78 -1.23 7.92
CA ALA A 264 -3.14 -0.72 6.60
C ALA A 264 -4.47 -0.01 6.63
N HIS A 265 -5.38 -0.47 7.48
CA HIS A 265 -6.66 0.18 7.61
C HIS A 265 -6.49 1.56 8.22
N ALA A 266 -5.64 1.69 9.25
CA ALA A 266 -5.38 3.00 9.82
C ALA A 266 -4.72 3.92 8.81
N LEU A 267 -3.73 3.40 8.07
CA LEU A 267 -3.00 4.26 7.15
C LEU A 267 -3.84 4.61 5.94
N LYS A 268 -4.74 3.73 5.53
CA LYS A 268 -5.68 4.11 4.50
C LYS A 268 -6.51 5.31 4.95
N LEU A 269 -6.95 5.31 6.20
CA LEU A 269 -7.73 6.44 6.72
C LEU A 269 -6.87 7.70 6.85
N ALA A 270 -5.65 7.54 7.34
CA ALA A 270 -4.81 8.69 7.67
C ALA A 270 -4.14 9.33 6.46
N ARG A 271 -4.03 8.64 5.34
CA ARG A 271 -3.21 9.10 4.23
C ARG A 271 -3.95 10.12 3.37
N GLY A 272 -3.16 10.84 2.57
CA GLY A 272 -3.72 11.77 1.61
C GLY A 272 -4.20 13.06 2.26
N GLY A 273 -5.22 13.64 1.66
CA GLY A 273 -5.82 14.85 2.20
C GLY A 273 -4.94 16.07 1.96
N LYS A 274 -5.44 17.20 2.46
CA LYS A 274 -4.85 18.51 2.17
C LYS A 274 -4.61 19.25 3.47
N LYS A 275 -3.50 20.00 3.54
CA LYS A 275 -3.18 20.75 4.75
C LYS A 275 -4.31 21.69 5.16
N ASP A 276 -4.92 22.37 4.18
CA ASP A 276 -5.79 23.51 4.49
C ASP A 276 -7.23 23.09 4.79
N THR A 277 -7.52 21.79 4.81
CA THR A 277 -8.85 21.34 5.14
C THR A 277 -9.21 21.79 6.55
N ILE A 278 -10.37 22.42 6.68
CA ILE A 278 -10.89 22.88 7.96
C ILE A 278 -11.54 21.69 8.67
N ILE A 279 -11.08 21.42 9.90
CA ILE A 279 -11.47 20.21 10.61
C ILE A 279 -12.39 20.62 11.76
N ALA A 280 -13.66 20.21 11.67
CA ALA A 280 -14.65 20.69 12.64
C ALA A 280 -14.26 20.34 14.07
N GLY A 281 -13.65 19.18 14.27
CA GLY A 281 -13.26 18.75 15.60
C GLY A 281 -12.26 19.68 16.28
N GLU A 282 -11.53 20.50 15.49
CA GLU A 282 -10.54 21.42 16.05
C GLU A 282 -11.15 22.70 16.61
N LYS A 283 -12.39 23.01 16.25
CA LYS A 283 -13.02 24.28 16.66
C LYS A 283 -12.91 24.57 18.16
N PRO A 284 -13.30 23.68 19.07
CA PRO A 284 -13.10 23.98 20.49
C PRO A 284 -11.68 24.40 20.81
N THR A 285 -10.68 23.75 20.21
CA THR A 285 -9.30 24.07 20.52
C THR A 285 -8.96 25.49 20.07
N LYS A 286 -9.30 25.84 18.83
CA LYS A 286 -9.13 27.21 18.37
C LYS A 286 -9.73 28.21 19.35
N ASP A 287 -10.91 27.89 19.88
CA ASP A 287 -11.62 28.89 20.68
C ASP A 287 -10.85 29.25 21.94
N PHE A 288 -10.19 28.26 22.58
CA PHE A 288 -9.43 28.57 23.78
C PHE A 288 -7.96 28.85 23.52
N ALA A 289 -7.37 28.33 22.42
CA ALA A 289 -5.92 28.39 22.23
C ALA A 289 -5.44 29.63 21.48
N PHE A 290 -6.25 30.19 20.58
CA PHE A 290 -5.86 31.42 19.87
C PHE A 290 -5.87 32.61 20.83
N ALA A 291 -5.01 33.60 20.54
CA ALA A 291 -4.85 34.76 21.42
C ALA A 291 -5.68 35.95 20.95
N SER A 292 -6.01 36.83 21.90
CA SER A 292 -6.73 38.06 21.67
C SER A 292 -5.89 39.23 22.17
N VAL A 293 -6.18 40.44 21.67
CA VAL A 293 -5.41 41.61 22.09
C VAL A 293 -5.89 42.07 23.47
N VAL A 294 -4.94 42.33 24.36
CA VAL A 294 -5.23 42.83 25.70
C VAL A 294 -4.39 44.07 25.99
N ALA A 295 -4.86 44.84 26.96
CA ALA A 295 -4.06 45.96 27.46
C ALA A 295 -2.88 45.43 28.26
N ASP A 296 -1.69 45.91 27.93
CA ASP A 296 -0.50 45.54 28.69
C ASP A 296 -0.23 46.50 29.84
N LYS A 297 -0.94 47.63 29.88
CA LYS A 297 -0.86 48.62 30.94
C LYS A 297 -2.23 49.25 31.09
N ASP A 298 -2.43 49.90 32.23
CA ASP A 298 -3.50 50.90 32.31
C ASP A 298 -3.30 51.93 31.19
N ILE A 299 -4.36 52.19 30.45
CA ILE A 299 -4.35 53.22 29.40
C ILE A 299 -5.43 54.24 29.72
N LYS A 300 -5.01 55.50 29.86
CA LYS A 300 -5.96 56.55 30.20
C LYS A 300 -6.80 56.93 28.98
N LYS A 301 -8.03 57.36 29.25
CA LYS A 301 -8.87 57.91 28.19
C LYS A 301 -8.07 58.96 27.41
N GLY A 302 -8.12 58.87 26.09
CA GLY A 302 -7.41 59.79 25.23
C GLY A 302 -6.02 59.37 24.80
N GLU A 303 -5.39 58.43 25.52
CA GLU A 303 -4.06 57.96 25.15
C GLU A 303 -4.10 57.14 23.87
N LEU A 304 -2.96 57.09 23.18
CA LEU A 304 -2.82 56.29 21.96
C LEU A 304 -2.45 54.84 22.27
N LEU A 305 -3.08 53.91 21.56
CA LEU A 305 -2.71 52.50 21.66
C LEU A 305 -1.39 52.27 20.95
N SER A 306 -0.55 51.42 21.53
CA SER A 306 0.82 51.23 21.01
C SER A 306 1.24 49.78 21.22
N GLY A 307 2.35 49.41 20.58
CA GLY A 307 2.99 48.15 20.88
C GLY A 307 3.50 48.05 22.30
N ASP A 308 3.54 49.16 23.04
CA ASP A 308 4.05 49.20 24.40
C ASP A 308 2.99 49.06 25.47
N ASN A 309 1.73 49.41 25.17
CA ASN A 309 0.65 49.23 26.11
C ASN A 309 -0.33 48.14 25.68
N LEU A 310 -0.03 47.42 24.60
CA LEU A 310 -0.84 46.31 24.11
C LEU A 310 -0.04 45.01 24.06
N TRP A 311 -0.70 43.90 24.38
CA TRP A 311 -0.15 42.57 24.14
C TRP A 311 -1.29 41.64 23.74
N VAL A 312 -1.03 40.33 23.78
CA VAL A 312 -1.99 39.33 23.30
C VAL A 312 -1.98 38.13 24.25
N LYS A 313 -3.17 37.57 24.49
CA LYS A 313 -3.32 36.48 25.45
C LYS A 313 -4.48 35.59 25.03
N ARG A 314 -4.40 34.29 25.41
CA ARG A 314 -5.57 33.42 25.32
C ARG A 314 -6.67 33.96 26.24
N PRO A 315 -7.94 33.64 25.95
CA PRO A 315 -8.40 32.79 24.84
C PRO A 315 -8.77 33.63 23.61
N GLY A 316 -9.47 33.03 22.65
CA GLY A 316 -9.67 33.72 21.39
C GLY A 316 -10.99 34.45 21.20
N ASN A 317 -11.67 34.85 22.29
CA ASN A 317 -12.99 35.45 22.15
C ASN A 317 -12.97 36.97 22.24
N GLY A 318 -11.80 37.58 22.27
CA GLY A 318 -11.72 39.04 22.26
C GLY A 318 -12.21 39.64 20.96
N ASP A 319 -12.52 40.94 21.04
CA ASP A 319 -13.00 41.66 19.86
C ASP A 319 -11.93 41.73 18.80
N PHE A 320 -10.66 41.77 19.19
CA PHE A 320 -9.56 41.83 18.25
C PHE A 320 -8.68 40.59 18.42
N SER A 321 -8.43 39.90 17.32
CA SER A 321 -7.55 38.74 17.32
C SER A 321 -6.09 39.17 17.26
N VAL A 322 -5.19 38.24 17.62
CA VAL A 322 -3.77 38.48 17.53
C VAL A 322 -3.39 38.89 16.12
N ASN A 323 -4.19 38.49 15.12
CA ASN A 323 -3.97 38.89 13.74
C ASN A 323 -4.08 40.39 13.56
N GLU A 324 -4.98 41.04 14.29
CA GLU A 324 -5.23 42.48 14.17
C GLU A 324 -4.41 43.32 15.14
N TYR A 325 -3.42 42.71 15.81
CA TYR A 325 -2.66 43.40 16.84
C TYR A 325 -2.16 44.76 16.35
N GLU A 326 -1.46 44.77 15.22
CA GLU A 326 -0.79 46.00 14.79
C GLU A 326 -1.77 47.05 14.29
N THR A 327 -2.97 46.65 13.85
CA THR A 327 -3.95 47.62 13.38
C THR A 327 -4.49 48.51 14.49
N LEU A 328 -4.33 48.12 15.75
CA LEU A 328 -4.74 48.98 16.85
C LEU A 328 -3.72 50.07 17.19
N PHE A 329 -2.49 49.97 16.70
CA PHE A 329 -1.49 50.99 16.99
C PHE A 329 -1.98 52.35 16.51
N GLY A 330 -1.98 53.32 17.40
CA GLY A 330 -2.33 54.68 17.05
C GLY A 330 -3.79 55.03 17.25
N LYS A 331 -4.66 54.04 17.42
CA LYS A 331 -6.03 54.32 17.83
C LYS A 331 -6.02 55.04 19.19
N VAL A 332 -7.16 55.67 19.50
CA VAL A 332 -7.28 56.50 20.68
C VAL A 332 -8.18 55.78 21.68
N ALA A 333 -7.75 55.70 22.92
CA ALA A 333 -8.60 55.13 23.96
C ALA A 333 -9.86 55.97 24.16
N ALA A 334 -11.03 55.35 23.94
CA ALA A 334 -12.31 56.01 24.13
C ALA A 334 -12.79 55.99 25.57
N CYS A 335 -12.38 54.97 26.32
CA CYS A 335 -12.58 54.88 27.76
C CYS A 335 -11.23 54.67 28.41
N ASN A 336 -11.18 54.79 29.74
CA ASN A 336 -10.07 54.18 30.45
C ASN A 336 -10.09 52.67 30.23
N ILE A 337 -8.90 52.09 30.17
CA ILE A 337 -8.74 50.66 29.87
C ILE A 337 -7.87 50.05 30.94
N ARG A 338 -8.39 49.00 31.60
CA ARG A 338 -7.67 48.32 32.65
C ARG A 338 -6.61 47.40 32.08
N LYS A 339 -5.42 47.44 32.67
CA LYS A 339 -4.37 46.45 32.38
C LYS A 339 -4.93 45.04 32.44
N GLY A 340 -4.58 44.22 31.45
CA GLY A 340 -5.02 42.85 31.39
C GLY A 340 -6.36 42.62 30.74
N ALA A 341 -7.14 43.68 30.49
CA ALA A 341 -8.44 43.55 29.85
C ALA A 341 -8.31 43.34 28.35
N GLN A 342 -9.20 42.52 27.78
CA GLN A 342 -9.29 42.44 26.33
C GLN A 342 -9.67 43.80 25.79
N ILE A 343 -9.07 44.18 24.65
CA ILE A 343 -9.45 45.44 24.01
C ILE A 343 -10.79 45.26 23.34
N LYS A 344 -11.75 46.11 23.68
CA LYS A 344 -13.08 46.05 23.11
C LYS A 344 -13.22 47.04 21.95
N LYS A 345 -14.17 46.73 21.05
CA LYS A 345 -14.48 47.66 19.95
C LYS A 345 -14.84 49.04 20.49
N THR A 346 -15.49 49.11 21.65
CA THR A 346 -15.87 50.37 22.27
C THR A 346 -14.74 51.01 23.05
N ASP A 347 -13.56 50.40 23.07
CA ASP A 347 -12.43 51.00 23.76
C ASP A 347 -11.66 51.97 22.90
N ILE A 348 -11.99 52.09 21.62
CA ILE A 348 -11.27 52.95 20.71
C ILE A 348 -12.25 53.87 20.01
N GLU A 349 -11.83 55.13 19.78
CA GLU A 349 -12.61 56.05 18.96
C GLU A 349 -12.59 55.56 17.52
C1 MLT B . 5.17 -14.22 -7.78
O1 MLT B . 4.30 -13.48 -8.31
O2 MLT B . 5.02 -15.46 -7.75
C2 MLT B . 6.38 -13.62 -7.14
O3 MLT B . 7.38 -13.48 -8.12
C3 MLT B . 6.92 -14.51 -6.03
C4 MLT B . 8.19 -13.86 -5.51
O4 MLT B . 8.29 -13.55 -4.30
O5 MLT B . 9.12 -13.58 -6.30
H2 MLT B . 6.09 -12.66 -6.71
HO3 MLT B . 7.08 -12.85 -8.81
H31 MLT B . 6.20 -14.62 -5.23
H32 MLT B . 7.15 -15.51 -6.42
#